data_4UQM
#
_entry.id   4UQM
#
_cell.length_a   84.300
_cell.length_b   98.720
_cell.length_c   43.940
_cell.angle_alpha   90.00
_cell.angle_beta   90.00
_cell.angle_gamma   90.00
#
_symmetry.space_group_name_H-M   'P 21 21 2'
#
loop_
_entity.id
_entity.type
_entity.pdbx_description
1 polymer 'URACIL-DNA GLYCOSYLASE'
2 polymer "5'-D(*CP*CP*TP*AP*TP*CP*CP*AP*AAB*GP*TP*CP*TP*CP*CP*G)-3'"
3 polymer "5'-D(*GP*CP*GP*GP*AP*GP*AP*CP*AP*TP*GP*GP*AP*CP*AP*G)-3'"
4 non-polymer 'CHLORIDE ION'
5 non-polymer GLYCEROL
6 water water
#
loop_
_entity_poly.entity_id
_entity_poly.type
_entity_poly.pdbx_seq_one_letter_code
_entity_poly.pdbx_strand_id
1 'polypeptide(L)'
;MTDQPDLFGLAPDAPRPIIPANLPEDWQEALLPEFSAPYFHELTDFLRQERKEYTIYPPAPDVFNALRYTPLGEVKVLIL
GQDPYHGPNQAHGLSFSVRPGVRVPPSLRNIYKELTEDIPGFVAPKHGYLRSWAEQGVLLLNAVLTVRAAQANSHQGKGW
EHFTDAVIKAVNAKEERVVFILWGSYARKKKKLITGKNHVVIESGHPSPLSEQYFFGTRPFSKTNEALEKAGRGPVEWQL
PATVTEE
;
A
2 'polydeoxyribonucleotide' (DC)(DC)(DT)(DA)(DT)(DC)(DC)(DA)(AAB)(DG)(DT)(DC)(DT)(DC)(DC)(DG) B
3 'polydeoxyribonucleotide' (DG)(DC)(DG)(DG)(DA)(DG)(DA)(DC)(DA)(DT)(DG)(DG)(DA)(DC)(DA)(DG) C
#
# COMPACT_ATOMS: atom_id res chain seq x y z
N ARG A 16 22.34 -5.64 -16.13
CA ARG A 16 22.55 -5.77 -14.65
C ARG A 16 21.23 -5.58 -13.91
N PRO A 17 21.05 -6.27 -12.76
CA PRO A 17 19.86 -5.97 -11.94
C PRO A 17 19.87 -4.50 -11.44
N ILE A 18 18.67 -3.95 -11.32
CA ILE A 18 18.45 -2.57 -10.85
C ILE A 18 17.83 -2.72 -9.48
N ILE A 19 18.66 -2.76 -8.46
CA ILE A 19 18.20 -3.11 -7.12
C ILE A 19 18.10 -1.85 -6.26
N PRO A 20 16.92 -1.57 -5.71
CA PRO A 20 16.82 -0.40 -4.82
C PRO A 20 17.66 -0.55 -3.58
N ALA A 21 18.18 0.60 -3.13
CA ALA A 21 19.07 0.58 -1.96
C ALA A 21 18.30 0.39 -0.68
N ASN A 22 18.97 -0.20 0.31
CA ASN A 22 18.50 -0.19 1.69
C ASN A 22 17.11 -0.80 1.86
N LEU A 23 16.89 -1.95 1.20
CA LEU A 23 15.73 -2.80 1.46
C LEU A 23 16.09 -3.84 2.50
N PRO A 24 15.12 -4.21 3.36
CA PRO A 24 15.32 -5.33 4.24
C PRO A 24 15.77 -6.55 3.45
N GLU A 25 16.63 -7.38 4.01
CA GLU A 25 17.21 -8.51 3.30
C GLU A 25 16.17 -9.49 2.83
N ASP A 26 15.11 -9.68 3.62
CA ASP A 26 14.07 -10.63 3.21
C ASP A 26 13.37 -10.20 1.93
N TRP A 27 13.09 -8.92 1.81
CA TRP A 27 12.53 -8.40 0.55
C TRP A 27 13.55 -8.53 -0.58
N GLN A 28 14.82 -8.23 -0.32
CA GLN A 28 15.82 -8.33 -1.38
C GLN A 28 15.89 -9.74 -1.93
N GLU A 29 15.88 -10.72 -1.05
CA GLU A 29 15.92 -12.13 -1.47
C GLU A 29 14.68 -12.56 -2.23
N ALA A 30 13.52 -12.17 -1.73
CA ALA A 30 12.24 -12.54 -2.40
C ALA A 30 12.09 -11.89 -3.75
N LEU A 31 12.56 -10.64 -3.88
CA LEU A 31 12.27 -9.87 -5.08
C LEU A 31 13.44 -9.78 -6.06
N LEU A 32 14.60 -10.35 -5.70
CA LEU A 32 15.72 -10.35 -6.63
C LEU A 32 15.36 -10.72 -8.05
N PRO A 33 14.54 -11.78 -8.28
CA PRO A 33 14.21 -12.11 -9.67
C PRO A 33 13.49 -10.98 -10.42
N GLU A 34 12.71 -10.17 -9.70
CA GLU A 34 12.02 -9.04 -10.31
C GLU A 34 13.03 -7.98 -10.74
N PHE A 35 13.95 -7.61 -9.83
CA PHE A 35 14.92 -6.56 -10.13
C PHE A 35 15.84 -6.92 -11.28
N SER A 36 15.94 -8.23 -11.54
CA SER A 36 16.76 -8.80 -12.60
C SER A 36 16.00 -9.03 -13.92
N ALA A 37 14.67 -8.88 -13.94
CA ALA A 37 13.83 -9.30 -15.03
C ALA A 37 13.76 -8.29 -16.16
N PRO A 38 13.61 -8.78 -17.41
CA PRO A 38 13.39 -7.86 -18.51
C PRO A 38 12.21 -6.87 -18.31
N TYR A 39 11.05 -7.31 -17.81
CA TYR A 39 9.92 -6.38 -17.67
C TYR A 39 10.29 -5.21 -16.74
N PHE A 40 11.13 -5.47 -15.75
CA PHE A 40 11.47 -4.47 -14.77
C PHE A 40 12.48 -3.48 -15.34
N HIS A 41 13.37 -3.97 -16.18
CA HIS A 41 14.27 -3.10 -16.90
C HIS A 41 13.45 -2.15 -17.80
N GLU A 42 12.47 -2.70 -18.50
CA GLU A 42 11.60 -1.89 -19.38
C GLU A 42 10.77 -0.88 -18.60
N LEU A 43 10.22 -1.32 -17.47
CA LEU A 43 9.50 -0.40 -16.59
C LEU A 43 10.44 0.73 -16.13
N THR A 44 11.65 0.36 -15.71
CA THR A 44 12.62 1.38 -15.23
C THR A 44 12.95 2.40 -16.33
N ASP A 45 13.15 1.91 -17.55
CA ASP A 45 13.50 2.79 -18.67
C ASP A 45 12.35 3.74 -18.95
N PHE A 46 11.13 3.23 -18.89
CA PHE A 46 9.95 4.10 -19.11
C PHE A 46 9.86 5.17 -18.02
N LEU A 47 10.06 4.77 -16.78
CA LEU A 47 9.98 5.72 -15.68
C LEU A 47 11.08 6.79 -15.75
N ARG A 48 12.29 6.43 -16.20
CA ARG A 48 13.30 7.44 -16.41
C ARG A 48 12.90 8.49 -17.47
N GLN A 49 12.27 8.03 -18.54
CA GLN A 49 11.75 8.95 -19.56
C GLN A 49 10.65 9.82 -19.00
N GLU A 50 9.76 9.18 -18.23
CA GLU A 50 8.67 9.93 -17.62
C GLU A 50 9.16 11.03 -16.67
N ARG A 51 10.18 10.69 -15.87
CA ARG A 51 10.77 11.69 -14.94
C ARG A 51 11.48 12.83 -15.67
N LYS A 52 11.99 12.53 -16.86
CA LYS A 52 12.61 13.54 -17.70
C LYS A 52 11.57 14.53 -18.22
N GLU A 53 10.42 14.02 -18.63
CA GLU A 53 9.44 14.84 -19.37
C GLU A 53 8.33 15.38 -18.53
N TYR A 54 8.10 14.79 -17.34
CA TYR A 54 6.96 15.16 -16.46
C TYR A 54 7.37 15.20 -15.03
N THR A 55 6.48 15.72 -14.19
CA THR A 55 6.59 15.58 -12.76
C THR A 55 5.94 14.25 -12.38
N ILE A 56 6.73 13.40 -11.77
CA ILE A 56 6.28 12.05 -11.37
C ILE A 56 6.37 11.91 -9.83
N TYR A 57 5.32 11.33 -9.23
CA TYR A 57 5.24 11.12 -7.81
C TYR A 57 5.17 9.62 -7.50
N PRO A 58 5.64 9.22 -6.29
CA PRO A 58 6.38 10.04 -5.36
C PRO A 58 7.81 10.27 -5.88
N PRO A 59 8.59 11.07 -5.16
CA PRO A 59 10.02 11.21 -5.51
C PRO A 59 10.69 9.83 -5.61
N ALA A 60 11.64 9.72 -6.53
CA ALA A 60 12.24 8.41 -6.79
C ALA A 60 12.84 7.75 -5.51
N PRO A 61 13.48 8.53 -4.61
CA PRO A 61 13.99 7.88 -3.40
C PRO A 61 12.94 7.24 -2.51
N ASP A 62 11.66 7.59 -2.73
CA ASP A 62 10.60 7.16 -1.84
C ASP A 62 9.76 6.02 -2.42
N VAL A 63 9.97 5.66 -3.71
CA VAL A 63 9.06 4.74 -4.36
C VAL A 63 8.91 3.44 -3.62
N PHE A 64 9.99 2.90 -3.08
CA PHE A 64 9.96 1.57 -2.45
C PHE A 64 9.87 1.67 -0.91
N ASN A 65 9.48 2.83 -0.37
CA ASN A 65 9.44 2.99 1.08
C ASN A 65 8.55 2.01 1.82
N ALA A 66 7.45 1.57 1.26
CA ALA A 66 6.62 0.60 1.99
C ALA A 66 7.42 -0.63 2.38
N LEU A 67 8.26 -1.13 1.44
CA LEU A 67 9.09 -2.30 1.74
C LEU A 67 10.13 -1.96 2.77
N ARG A 68 10.70 -0.74 2.71
CA ARG A 68 11.66 -0.34 3.73
C ARG A 68 11.13 -0.29 5.14
N TYR A 69 9.89 0.12 5.29
CA TYR A 69 9.31 0.35 6.64
C TYR A 69 8.63 -0.89 7.19
N THR A 70 8.31 -1.87 6.35
CA THR A 70 7.69 -3.11 6.81
C THR A 70 8.39 -4.31 6.12
N PRO A 71 9.37 -4.94 6.77
CA PRO A 71 10.04 -6.15 6.24
C PRO A 71 9.03 -7.28 5.95
N LEU A 72 9.33 -8.13 4.97
CA LEU A 72 8.44 -9.23 4.62
C LEU A 72 8.06 -10.06 5.83
N GLY A 73 9.04 -10.39 6.66
CA GLY A 73 8.79 -11.16 7.87
C GLY A 73 7.87 -10.51 8.88
N GLU A 74 7.69 -9.18 8.82
CA GLU A 74 6.82 -8.48 9.76
C GLU A 74 5.43 -8.25 9.23
N VAL A 75 5.16 -8.55 7.97
CA VAL A 75 3.85 -8.24 7.40
C VAL A 75 2.74 -9.08 8.06
N LYS A 76 1.75 -8.42 8.64
CA LYS A 76 0.55 -9.06 9.03
C LYS A 76 -0.70 -8.57 8.35
N VAL A 77 -0.65 -7.34 7.81
CA VAL A 77 -1.76 -6.78 7.04
C VAL A 77 -1.16 -6.14 5.81
N LEU A 78 -1.73 -6.42 4.65
CA LEU A 78 -1.29 -5.78 3.44
C LEU A 78 -2.45 -4.97 2.91
N ILE A 79 -2.29 -3.64 2.92
CA ILE A 79 -3.25 -2.70 2.36
C ILE A 79 -2.82 -2.41 0.94
N LEU A 80 -3.72 -2.57 -0.03
CA LEU A 80 -3.39 -2.32 -1.43
C LEU A 80 -4.38 -1.33 -2.03
N GLY A 81 -3.88 -0.13 -2.31
CA GLY A 81 -4.62 0.87 -3.09
C GLY A 81 -4.30 0.78 -4.57
N GLN A 82 -4.73 1.83 -5.27
CA GLN A 82 -4.61 1.90 -6.71
C GLN A 82 -3.24 2.37 -7.19
N ASP A 83 -2.92 3.61 -6.85
CA ASP A 83 -1.68 4.23 -7.28
C ASP A 83 -1.46 5.42 -6.36
N PRO A 84 -0.28 6.02 -6.38
CA PRO A 84 0.02 7.04 -5.38
C PRO A 84 -0.80 8.29 -5.54
N TYR A 85 -0.91 9.08 -4.48
CA TYR A 85 -1.51 10.41 -4.62
C TYR A 85 -0.74 11.19 -5.72
N HIS A 86 -1.43 12.02 -6.47
CA HIS A 86 -0.89 12.62 -7.68
C HIS A 86 -0.80 14.12 -7.61
N GLY A 87 -0.84 14.67 -6.39
CA GLY A 87 -0.62 16.11 -6.20
C GLY A 87 0.72 16.39 -5.50
N PRO A 88 1.15 17.67 -5.51
CA PRO A 88 2.48 17.93 -4.99
C PRO A 88 2.62 17.65 -3.48
N ASN A 89 3.75 17.10 -3.11
CA ASN A 89 4.12 16.81 -1.73
C ASN A 89 3.08 16.04 -0.97
N GLN A 90 2.47 15.07 -1.66
CA GLN A 90 1.55 14.16 -1.02
C GLN A 90 2.15 12.78 -0.85
N ALA A 91 2.30 12.06 -1.96
CA ALA A 91 2.83 10.70 -1.90
C ALA A 91 4.29 10.63 -1.49
N HIS A 92 4.60 9.70 -0.58
CA HIS A 92 6.02 9.39 -0.27
C HIS A 92 6.24 7.90 -0.03
N GLY A 93 5.48 7.08 -0.74
CA GLY A 93 5.76 5.64 -0.80
C GLY A 93 5.05 4.79 0.21
N LEU A 94 4.35 5.37 1.18
CA LEU A 94 3.46 4.57 2.05
C LEU A 94 2.06 4.95 1.62
N SER A 95 1.33 3.99 1.05
CA SER A 95 0.04 4.31 0.49
C SER A 95 -0.86 5.01 1.50
N PHE A 96 -1.54 6.03 0.98
CA PHE A 96 -2.49 6.87 1.72
C PHE A 96 -1.91 7.85 2.70
N SER A 97 -0.62 7.72 3.03
CA SER A 97 0.00 8.57 4.05
C SER A 97 0.46 9.92 3.47
N VAL A 98 0.44 10.94 4.31
CA VAL A 98 1.11 12.19 4.01
C VAL A 98 2.00 12.56 5.18
N ARG A 99 3.03 13.36 4.87
CA ARG A 99 4.02 13.76 5.87
C ARG A 99 3.44 14.72 6.89
N PRO A 100 4.07 14.79 8.10
CA PRO A 100 3.65 15.83 9.04
C PRO A 100 3.65 17.22 8.38
N GLY A 101 2.58 17.95 8.61
CA GLY A 101 2.40 19.30 8.10
C GLY A 101 1.47 19.37 6.88
N VAL A 102 1.29 18.26 6.21
CA VAL A 102 0.54 18.19 4.96
C VAL A 102 -0.95 17.96 5.23
N ARG A 103 -1.80 18.69 4.51
CA ARG A 103 -3.23 18.54 4.61
C ARG A 103 -3.63 17.07 4.37
N VAL A 104 -4.53 16.55 5.19
CA VAL A 104 -5.05 15.19 5.02
C VAL A 104 -5.86 15.09 3.73
N PRO A 105 -5.45 14.24 2.77
CA PRO A 105 -6.22 14.18 1.53
C PRO A 105 -7.62 13.54 1.68
N PRO A 106 -8.51 13.79 0.75
CA PRO A 106 -9.86 13.20 0.82
C PRO A 106 -9.93 11.71 1.07
N SER A 107 -9.09 10.90 0.42
CA SER A 107 -9.13 9.48 0.66
C SER A 107 -8.88 9.14 2.11
N LEU A 108 -7.87 9.79 2.67
CA LEU A 108 -7.50 9.52 4.05
C LEU A 108 -8.55 10.08 5.01
N ARG A 109 -9.16 11.22 4.69
CA ARG A 109 -10.31 11.69 5.48
CA ARG A 109 -10.30 11.72 5.45
C ARG A 109 -11.38 10.64 5.52
N ASN A 110 -11.60 9.96 4.39
CA ASN A 110 -12.62 8.91 4.37
C ASN A 110 -12.19 7.68 5.14
N ILE A 111 -10.93 7.28 5.05
CA ILE A 111 -10.39 6.24 5.89
C ILE A 111 -10.66 6.56 7.37
N TYR A 112 -10.33 7.78 7.77
CA TYR A 112 -10.58 8.24 9.15
C TYR A 112 -12.07 8.17 9.53
N LYS A 113 -12.96 8.52 8.61
CA LYS A 113 -14.42 8.46 8.88
C LYS A 113 -14.83 7.04 9.14
N GLU A 114 -14.35 6.12 8.31
CA GLU A 114 -14.70 4.73 8.46
C GLU A 114 -14.10 4.14 9.77
N LEU A 115 -12.85 4.46 10.08
CA LEU A 115 -12.23 4.06 11.37
C LEU A 115 -13.01 4.57 12.56
N THR A 116 -13.49 5.81 12.50
CA THR A 116 -14.25 6.42 13.58
C THR A 116 -15.52 5.60 13.84
N GLU A 117 -16.15 5.07 12.80
CA GLU A 117 -17.34 4.27 12.99
C GLU A 117 -17.02 2.80 13.31
N ASP A 118 -15.92 2.28 12.77
CA ASP A 118 -15.66 0.88 12.79
C ASP A 118 -14.96 0.40 14.09
N ILE A 119 -14.06 1.23 14.60
CA ILE A 119 -13.23 0.91 15.76
C ILE A 119 -13.62 1.88 16.88
N PRO A 120 -14.35 1.39 17.88
CA PRO A 120 -14.76 2.19 19.01
C PRO A 120 -13.58 2.87 19.66
N GLY A 121 -13.69 4.17 19.87
CA GLY A 121 -12.61 4.93 20.49
C GLY A 121 -11.61 5.58 19.55
N PHE A 122 -11.66 5.24 18.27
CA PHE A 122 -10.72 5.86 17.32
C PHE A 122 -11.03 7.36 17.24
N VAL A 123 -10.00 8.20 17.37
CA VAL A 123 -10.14 9.65 17.23
C VAL A 123 -9.21 10.07 16.10
N ALA A 124 -9.76 10.60 15.01
CA ALA A 124 -8.96 11.01 13.88
C ALA A 124 -8.02 12.15 14.27
N PRO A 125 -6.73 12.03 13.97
CA PRO A 125 -5.81 13.10 14.26
C PRO A 125 -5.82 14.12 13.15
N LYS A 126 -5.17 15.23 13.42
CA LYS A 126 -5.10 16.35 12.48
C LYS A 126 -4.11 16.11 11.33
N HIS A 127 -3.21 15.19 11.52
CA HIS A 127 -2.20 14.83 10.53
C HIS A 127 -2.59 13.59 9.78
N GLY A 128 -1.83 13.29 8.71
CA GLY A 128 -2.07 12.10 7.91
C GLY A 128 -0.91 11.13 7.80
N TYR A 129 -0.03 11.10 8.79
CA TYR A 129 1.22 10.33 8.75
C TYR A 129 1.01 8.95 9.34
N LEU A 130 1.19 7.93 8.50
CA LEU A 130 0.79 6.56 8.85
C LEU A 130 1.96 5.65 9.18
N ARG A 131 3.14 6.22 9.46
CA ARG A 131 4.32 5.42 9.75
C ARG A 131 4.07 4.45 10.91
N SER A 132 3.30 4.88 11.89
CA SER A 132 3.05 4.02 13.07
C SER A 132 2.23 2.78 12.74
N TRP A 133 1.53 2.78 11.63
CA TRP A 133 0.87 1.55 11.15
C TRP A 133 1.91 0.63 10.48
N ALA A 134 2.78 1.24 9.66
CA ALA A 134 3.84 0.45 8.98
C ALA A 134 4.74 -0.25 10.00
N GLU A 135 5.00 0.45 11.10
CA GLU A 135 5.85 -0.12 12.15
C GLU A 135 5.23 -1.32 12.89
N GLN A 136 3.91 -1.47 12.77
CA GLN A 136 3.17 -2.62 13.36
C GLN A 136 2.94 -3.75 12.41
N GLY A 137 3.49 -3.74 11.21
CA GLY A 137 3.29 -4.85 10.28
C GLY A 137 2.24 -4.59 9.25
N VAL A 138 1.84 -3.35 9.05
CA VAL A 138 0.87 -3.02 8.00
C VAL A 138 1.62 -2.49 6.78
N LEU A 139 1.67 -3.29 5.71
CA LEU A 139 2.34 -2.92 4.50
C LEU A 139 1.40 -2.04 3.69
N LEU A 140 1.81 -0.80 3.49
CA LEU A 140 0.98 0.19 2.82
C LEU A 140 1.36 0.32 1.33
N LEU A 141 0.75 -0.54 0.55
CA LEU A 141 1.11 -0.74 -0.87
C LEU A 141 0.07 -0.09 -1.78
N ASN A 142 0.50 0.17 -3.01
CA ASN A 142 -0.44 0.43 -4.13
C ASN A 142 -0.12 -0.52 -5.26
N ALA A 143 -1.13 -0.80 -6.10
CA ALA A 143 -0.92 -1.68 -7.21
C ALA A 143 0.13 -1.18 -8.20
N VAL A 144 0.15 0.14 -8.35
CA VAL A 144 1.08 0.85 -9.22
C VAL A 144 1.81 1.82 -8.32
N LEU A 145 3.15 1.95 -8.47
CA LEU A 145 3.96 2.67 -7.48
C LEU A 145 4.45 4.02 -7.86
N THR A 146 4.05 4.49 -9.06
CA THR A 146 4.32 5.88 -9.47
C THR A 146 3.10 6.41 -10.23
N VAL A 147 3.06 7.73 -10.41
CA VAL A 147 1.98 8.39 -11.14
C VAL A 147 2.46 9.72 -11.67
N ARG A 148 1.98 10.09 -12.84
CA ARG A 148 2.23 11.44 -13.37
C ARG A 148 1.35 12.45 -12.65
N ALA A 149 1.92 13.62 -12.34
CA ALA A 149 1.18 14.66 -11.70
C ALA A 149 -0.15 14.94 -12.32
N ALA A 150 -1.16 15.12 -11.49
CA ALA A 150 -2.52 15.43 -11.90
C ALA A 150 -3.30 14.39 -12.65
N GLN A 151 -2.77 13.16 -12.83
CA GLN A 151 -3.37 12.18 -13.71
C GLN A 151 -3.46 10.78 -13.04
N ALA A 152 -4.56 10.50 -12.34
CA ALA A 152 -4.70 9.24 -11.67
C ALA A 152 -4.58 8.05 -12.62
N ASN A 153 -3.84 7.05 -12.17
CA ASN A 153 -3.64 5.79 -12.88
C ASN A 153 -2.91 5.96 -14.22
N SER A 154 -2.19 7.09 -14.37
CA SER A 154 -1.42 7.35 -15.58
C SER A 154 -0.27 6.40 -15.82
N HIS A 155 0.20 5.71 -14.77
CA HIS A 155 1.22 4.69 -14.95
C HIS A 155 0.71 3.27 -14.84
N GLN A 156 -0.63 3.10 -14.91
CA GLN A 156 -1.21 1.76 -15.02
C GLN A 156 -0.73 1.07 -16.30
N GLY A 157 -0.49 -0.23 -16.21
CA GLY A 157 -0.26 -1.03 -17.38
C GLY A 157 1.12 -0.87 -18.04
N LYS A 158 2.11 -0.46 -17.24
CA LYS A 158 3.48 -0.17 -17.70
CA LYS A 158 3.47 -0.21 -17.75
C LYS A 158 4.53 -1.08 -17.09
N GLY A 159 4.12 -2.07 -16.31
CA GLY A 159 5.01 -3.00 -15.68
C GLY A 159 4.94 -3.09 -14.21
N TRP A 160 4.35 -2.08 -13.53
CA TRP A 160 4.30 -2.19 -12.08
C TRP A 160 3.49 -3.37 -11.59
N GLU A 161 2.42 -3.70 -12.32
CA GLU A 161 1.53 -4.77 -11.86
C GLU A 161 2.22 -6.10 -11.76
N HIS A 162 3.21 -6.36 -12.61
CA HIS A 162 3.97 -7.60 -12.45
C HIS A 162 4.79 -7.56 -11.16
N PHE A 163 5.38 -6.41 -10.88
CA PHE A 163 6.18 -6.27 -9.66
C PHE A 163 5.30 -6.37 -8.40
N THR A 164 4.17 -5.69 -8.39
CA THR A 164 3.31 -5.80 -7.21
C THR A 164 2.63 -7.17 -7.13
N ASP A 165 2.42 -7.88 -8.24
CA ASP A 165 2.07 -9.32 -8.16
C ASP A 165 3.12 -10.10 -7.38
N ALA A 166 4.41 -9.84 -7.68
CA ALA A 166 5.49 -10.55 -7.00
C ALA A 166 5.52 -10.24 -5.51
N VAL A 167 5.20 -9.01 -5.14
CA VAL A 167 5.13 -8.65 -3.71
C VAL A 167 4.00 -9.43 -3.03
N ILE A 168 2.83 -9.41 -3.65
CA ILE A 168 1.65 -10.18 -3.17
CA ILE A 168 1.68 -10.16 -3.07
C ILE A 168 2.00 -11.64 -3.03
N LYS A 169 2.63 -12.22 -4.07
CA LYS A 169 3.02 -13.62 -4.03
C LYS A 169 3.99 -13.93 -2.88
N ALA A 170 4.95 -13.03 -2.62
CA ALA A 170 5.91 -13.28 -1.53
C ALA A 170 5.22 -13.30 -0.15
N VAL A 171 4.29 -12.37 0.03
CA VAL A 171 3.50 -12.34 1.27
C VAL A 171 2.58 -13.55 1.34
N ASN A 172 1.94 -13.93 0.22
CA ASN A 172 1.06 -15.11 0.23
C ASN A 172 1.77 -16.41 0.59
N ALA A 173 3.05 -16.49 0.21
CA ALA A 173 3.88 -17.64 0.56
C ALA A 173 4.16 -17.77 2.07
N LYS A 174 3.91 -16.72 2.86
CA LYS A 174 4.07 -16.86 4.33
C LYS A 174 3.03 -17.83 4.87
N GLU A 175 3.42 -18.58 5.89
CA GLU A 175 2.56 -19.58 6.52
C GLU A 175 1.57 -18.93 7.49
N GLU A 176 2.03 -17.97 8.25
CA GLU A 176 1.17 -17.30 9.24
C GLU A 176 0.22 -16.35 8.57
N ARG A 177 -0.99 -16.29 9.12
CA ARG A 177 -2.05 -15.45 8.58
C ARG A 177 -1.62 -14.02 8.28
N VAL A 178 -1.93 -13.60 7.07
CA VAL A 178 -1.91 -12.22 6.64
C VAL A 178 -3.30 -11.85 6.17
N VAL A 179 -3.73 -10.66 6.56
CA VAL A 179 -4.95 -10.07 6.03
C VAL A 179 -4.62 -9.13 4.91
N PHE A 180 -5.17 -9.39 3.75
CA PHE A 180 -5.03 -8.55 2.59
C PHE A 180 -6.27 -7.72 2.42
N ILE A 181 -6.09 -6.41 2.40
CA ILE A 181 -7.19 -5.44 2.20
C ILE A 181 -6.99 -4.80 0.83
N LEU A 182 -7.94 -5.10 -0.08
CA LEU A 182 -7.83 -4.69 -1.50
C LEU A 182 -8.83 -3.58 -1.69
N TRP A 183 -8.32 -2.35 -1.88
CA TRP A 183 -9.15 -1.18 -2.05
C TRP A 183 -9.14 -0.71 -3.49
N GLY A 184 -10.25 -0.96 -4.18
CA GLY A 184 -10.45 -0.51 -5.55
C GLY A 184 -10.33 -1.62 -6.57
N SER A 185 -10.86 -1.32 -7.76
CA SER A 185 -10.91 -2.33 -8.80
C SER A 185 -9.52 -2.81 -9.24
N TYR A 186 -8.57 -1.87 -9.32
CA TYR A 186 -7.22 -2.27 -9.78
C TYR A 186 -6.51 -3.14 -8.73
N ALA A 187 -6.64 -2.79 -7.45
CA ALA A 187 -6.07 -3.62 -6.40
C ALA A 187 -6.73 -5.00 -6.37
N ARG A 188 -8.05 -5.04 -6.58
CA ARG A 188 -8.80 -6.30 -6.53
C ARG A 188 -8.42 -7.31 -7.61
N LYS A 189 -7.71 -6.87 -8.66
CA LYS A 189 -7.20 -7.83 -9.66
C LYS A 189 -6.21 -8.82 -9.03
N LYS A 190 -5.62 -8.49 -7.87
CA LYS A 190 -4.65 -9.37 -7.19
C LYS A 190 -5.34 -10.53 -6.44
N LYS A 191 -6.67 -10.48 -6.30
CA LYS A 191 -7.35 -11.46 -5.42
C LYS A 191 -7.03 -12.90 -5.73
N LYS A 192 -6.99 -13.28 -7.01
CA LYS A 192 -6.67 -14.64 -7.41
C LYS A 192 -5.31 -15.19 -6.97
N LEU A 193 -4.39 -14.27 -6.66
CA LEU A 193 -3.05 -14.67 -6.21
C LEU A 193 -3.04 -15.07 -4.75
N ILE A 194 -4.07 -14.69 -3.99
CA ILE A 194 -4.11 -14.94 -2.55
C ILE A 194 -4.77 -16.32 -2.26
N THR A 195 -3.94 -17.34 -2.32
CA THR A 195 -4.38 -18.73 -2.19
C THR A 195 -4.00 -19.36 -0.87
N GLY A 196 -3.17 -18.70 -0.08
CA GLY A 196 -2.71 -19.34 1.17
C GLY A 196 -3.86 -19.69 2.10
N LYS A 197 -3.85 -20.93 2.64
CA LYS A 197 -5.00 -21.42 3.42
C LYS A 197 -5.27 -20.57 4.68
N ASN A 198 -4.22 -19.97 5.21
CA ASN A 198 -4.40 -19.16 6.41
C ASN A 198 -4.66 -17.71 6.21
N HIS A 199 -4.69 -17.26 4.96
CA HIS A 199 -4.84 -15.85 4.71
C HIS A 199 -6.31 -15.44 4.59
N VAL A 200 -6.55 -14.13 4.70
CA VAL A 200 -7.89 -13.55 4.62
C VAL A 200 -7.85 -12.42 3.66
N VAL A 201 -8.88 -12.29 2.84
CA VAL A 201 -9.04 -11.19 1.91
C VAL A 201 -10.29 -10.39 2.26
N ILE A 202 -10.08 -9.08 2.36
CA ILE A 202 -11.14 -8.11 2.52
C ILE A 202 -11.08 -7.19 1.31
N GLU A 203 -12.20 -6.98 0.62
CA GLU A 203 -12.17 -6.19 -0.59
C GLU A 203 -13.31 -5.21 -0.59
N SER A 204 -13.06 -4.06 -1.19
CA SER A 204 -14.11 -3.04 -1.36
C SER A 204 -13.72 -2.05 -2.42
N GLY A 205 -14.59 -1.08 -2.64
CA GLY A 205 -14.19 0.08 -3.39
C GLY A 205 -13.10 0.89 -2.67
N HIS A 206 -12.47 1.75 -3.44
CA HIS A 206 -11.45 2.62 -2.94
C HIS A 206 -12.01 3.73 -2.06
N PRO A 207 -11.21 4.21 -1.09
CA PRO A 207 -11.78 5.25 -0.19
C PRO A 207 -11.82 6.70 -0.76
N SER A 208 -11.36 6.93 -1.99
CA SER A 208 -11.52 8.20 -2.66
C SER A 208 -12.98 8.64 -2.56
N PRO A 209 -13.22 9.94 -2.43
CA PRO A 209 -14.63 10.43 -2.46
C PRO A 209 -15.33 10.01 -3.77
N LEU A 210 -14.60 9.79 -4.88
CA LEU A 210 -15.23 9.41 -6.15
C LEU A 210 -15.71 7.95 -6.17
N SER A 211 -15.38 7.17 -5.15
CA SER A 211 -15.86 5.81 -5.00
C SER A 211 -16.37 5.51 -3.59
N GLU A 212 -16.56 6.56 -2.76
CA GLU A 212 -16.78 6.33 -1.34
C GLU A 212 -18.01 5.52 -1.02
N GLN A 213 -19.05 5.58 -1.88
CA GLN A 213 -20.22 4.74 -1.65
C GLN A 213 -19.90 3.23 -1.62
N TYR A 214 -18.80 2.85 -2.29
CA TYR A 214 -18.34 1.46 -2.34
C TYR A 214 -17.37 1.07 -1.22
N PHE A 215 -17.02 2.06 -0.38
CA PHE A 215 -16.07 1.90 0.73
C PHE A 215 -16.72 2.02 2.11
N PHE A 216 -17.54 3.07 2.30
CA PHE A 216 -18.15 3.25 3.60
C PHE A 216 -18.99 2.07 4.03
N GLY A 217 -18.87 1.71 5.31
CA GLY A 217 -19.69 0.61 5.88
C GLY A 217 -19.11 -0.77 5.69
N THR A 218 -17.94 -0.88 5.06
CA THR A 218 -17.35 -2.17 4.81
C THR A 218 -16.53 -2.71 6.00
N ARG A 219 -16.29 -1.87 7.00
CA ARG A 219 -15.65 -2.31 8.28
C ARG A 219 -14.40 -3.13 8.13
N PRO A 220 -13.44 -2.65 7.34
CA PRO A 220 -12.27 -3.48 7.06
C PRO A 220 -11.35 -3.60 8.30
N PHE A 221 -11.37 -2.59 9.16
CA PHE A 221 -10.39 -2.45 10.26
C PHE A 221 -10.73 -3.44 11.39
N SER A 222 -12.02 -3.51 11.72
CA SER A 222 -12.48 -4.49 12.68
C SER A 222 -12.42 -5.91 12.13
N LYS A 223 -12.81 -6.09 10.88
CA LYS A 223 -12.70 -7.41 10.26
C LYS A 223 -11.25 -7.89 10.28
N THR A 224 -10.31 -6.98 10.00
CA THR A 224 -8.89 -7.35 10.03
C THR A 224 -8.48 -7.84 11.43
N ASN A 225 -8.86 -7.06 12.44
CA ASN A 225 -8.46 -7.40 13.79
C ASN A 225 -9.08 -8.69 14.28
N GLU A 226 -10.31 -8.95 13.88
CA GLU A 226 -10.93 -10.20 14.28
C GLU A 226 -10.21 -11.41 13.64
N ALA A 227 -9.87 -11.28 12.36
CA ALA A 227 -9.12 -12.33 11.69
C ALA A 227 -7.74 -12.56 12.32
N LEU A 228 -7.02 -11.47 12.62
CA LEU A 228 -5.71 -11.62 13.26
C LEU A 228 -5.85 -12.33 14.59
N GLU A 229 -6.83 -11.89 15.38
CA GLU A 229 -7.00 -12.45 16.72
C GLU A 229 -7.34 -13.92 16.67
N LYS A 230 -8.19 -14.32 15.73
CA LYS A 230 -8.56 -15.74 15.61
C LYS A 230 -7.38 -16.64 15.20
N ALA A 231 -6.37 -16.05 14.55
CA ALA A 231 -5.12 -16.75 14.20
C ALA A 231 -4.00 -16.64 15.26
N GLY A 232 -4.26 -16.00 16.38
CA GLY A 232 -3.19 -15.81 17.40
C GLY A 232 -2.16 -14.76 17.04
N ARG A 233 -2.49 -13.91 16.07
CA ARG A 233 -1.70 -12.77 15.76
C ARG A 233 -2.39 -11.65 16.60
N GLY A 234 -1.60 -10.69 17.00
CA GLY A 234 -2.10 -9.54 17.67
C GLY A 234 -2.83 -8.60 16.70
N PRO A 235 -3.82 -7.90 17.23
CA PRO A 235 -4.53 -6.91 16.41
C PRO A 235 -3.65 -5.73 16.11
N VAL A 236 -4.03 -5.01 15.10
CA VAL A 236 -3.42 -3.72 14.83
C VAL A 236 -4.00 -2.66 15.75
N GLU A 237 -3.12 -1.80 16.27
CA GLU A 237 -3.57 -0.60 16.94
C GLU A 237 -3.78 0.49 15.90
N TRP A 238 -5.03 0.67 15.48
CA TRP A 238 -5.33 1.61 14.44
C TRP A 238 -5.21 3.07 14.89
N GLN A 239 -5.36 3.35 16.18
CA GLN A 239 -5.19 4.72 16.66
C GLN A 239 -3.82 5.25 16.34
N LEU A 240 -3.79 6.46 15.75
CA LEU A 240 -2.58 7.20 15.44
C LEU A 240 -2.26 8.18 16.53
N PRO A 241 -0.98 8.56 16.67
CA PRO A 241 -0.65 9.62 17.63
C PRO A 241 -1.34 10.92 17.34
N ALA A 242 -1.70 11.69 18.38
CA ALA A 242 -2.30 12.98 18.13
C ALA A 242 -1.38 13.96 17.38
N THR A 243 -0.10 13.89 17.67
CA THR A 243 0.90 14.71 16.99
C THR A 243 2.10 13.84 16.61
N VAL A 244 2.77 14.28 15.56
CA VAL A 244 3.91 13.59 14.94
C VAL A 244 5.08 14.54 14.65
#